data_3DED
#
_entry.id   3DED
#
_cell.length_a   66.144
_cell.length_b   55.312
_cell.length_c   93.734
_cell.angle_alpha   90.00
_cell.angle_beta   94.34
_cell.angle_gamma   90.00
#
_symmetry.space_group_name_H-M   'P 1 21 1'
#
loop_
_entity.id
_entity.type
_entity.pdbx_description
1 polymer 'Probable hemolysin'
2 non-polymer 'CALCIUM ION'
3 water water
#
_entity_poly.entity_id   1
_entity_poly.type   'polypeptide(L)'
_entity_poly.pdbx_seq_one_letter_code
;(MSE)GSSHHHHHHSSGRENLYFQGHDGEEDEIVQREDGSWLVDG(MSE)VSLDRFREFFELEAPLPGEAGGNIHTLAGV
(MSE)LYQLGRVPSVTDRFEWNGFSFEVVD(MSE)DRTRVDKILVQRHH
;
_entity_poly.pdbx_strand_id   A,B,C,D,E,F
#
# COMPACT_ATOMS: atom_id res chain seq x y z
N ASP A 27 1.22 9.04 -41.89
CA ASP A 27 0.74 8.44 -40.61
C ASP A 27 1.34 7.02 -40.52
N GLU A 28 1.90 6.68 -39.37
CA GLU A 28 2.18 5.28 -39.05
C GLU A 28 0.87 4.54 -38.67
N ILE A 29 -0.11 4.59 -39.59
CA ILE A 29 -1.45 3.99 -39.39
C ILE A 29 -2.03 3.38 -40.68
N VAL A 30 -2.77 2.28 -40.54
CA VAL A 30 -3.34 1.57 -41.70
C VAL A 30 -4.81 1.38 -41.44
N GLN A 31 -5.62 1.59 -42.48
CA GLN A 31 -7.06 1.58 -42.33
C GLN A 31 -7.62 0.18 -42.57
N ARG A 32 -8.48 -0.24 -41.65
CA ARG A 32 -9.15 -1.53 -41.76
C ARG A 32 -10.37 -1.37 -42.65
N GLU A 33 -10.96 -2.51 -42.99
CA GLU A 33 -12.11 -2.63 -43.87
C GLU A 33 -13.32 -1.84 -43.36
N ASP A 34 -13.51 -1.78 -42.04
CA ASP A 34 -14.65 -1.04 -41.49
C ASP A 34 -14.38 0.46 -41.31
N GLY A 35 -13.22 0.93 -41.79
CA GLY A 35 -12.90 2.34 -41.71
C GLY A 35 -12.11 2.72 -40.45
N SER A 36 -12.00 1.81 -39.47
CA SER A 36 -11.13 2.08 -38.31
C SER A 36 -9.64 1.99 -38.70
N TRP A 37 -8.78 2.48 -37.81
CA TRP A 37 -7.35 2.57 -38.07
C TRP A 37 -6.52 1.87 -37.00
N LEU A 38 -5.52 1.10 -37.44
CA LEU A 38 -4.49 0.55 -36.55
C LEU A 38 -3.29 1.51 -36.55
N VAL A 39 -3.00 2.09 -35.38
CA VAL A 39 -2.02 3.16 -35.25
C VAL A 39 -0.99 2.79 -34.18
N ASP A 40 0.29 2.96 -34.53
CA ASP A 40 1.42 2.75 -33.62
CA ASP A 40 1.38 2.73 -33.60
C ASP A 40 1.33 3.72 -32.43
N GLY A 41 1.60 3.24 -31.23
CA GLY A 41 1.66 4.09 -30.05
C GLY A 41 2.69 5.19 -30.16
N VAL A 43 3.29 7.19 -32.70
CA VAL A 43 2.96 8.31 -33.58
CA VAL A 43 3.01 8.32 -33.57
C VAL A 43 2.93 9.59 -32.73
N SER A 44 3.53 10.67 -33.22
CA SER A 44 3.48 11.93 -32.49
C SER A 44 2.07 12.50 -32.60
N LEU A 45 1.68 13.30 -31.62
CA LEU A 45 0.35 13.88 -31.60
C LEU A 45 0.22 14.94 -32.68
N ASP A 46 1.34 15.54 -33.07
CA ASP A 46 1.35 16.47 -34.17
C ASP A 46 0.87 15.82 -35.45
N ARG A 47 1.51 14.69 -35.76
CA ARG A 47 1.24 13.96 -36.97
C ARG A 47 -0.15 13.35 -36.94
N PHE A 48 -0.54 12.84 -35.78
CA PHE A 48 -1.89 12.32 -35.61
C PHE A 48 -2.95 13.40 -35.93
N ARG A 49 -2.81 14.58 -35.32
CA ARG A 49 -3.73 15.69 -35.52
C ARG A 49 -3.67 16.26 -36.94
N GLU A 50 -2.48 16.39 -37.49
CA GLU A 50 -2.31 16.69 -38.92
C GLU A 50 -3.07 15.72 -39.79
N PHE A 51 -2.88 14.42 -39.54
CA PHE A 51 -3.48 13.39 -40.38
C PHE A 51 -5.02 13.38 -40.34
N PHE A 52 -5.58 13.52 -39.14
CA PHE A 52 -7.05 13.51 -38.99
C PHE A 52 -7.62 14.91 -39.04
N GLU A 53 -6.77 15.88 -39.40
CA GLU A 53 -7.08 17.33 -39.40
C GLU A 53 -7.88 17.79 -38.17
N LEU A 54 -7.30 17.55 -37.00
CA LEU A 54 -7.94 17.85 -35.75
C LEU A 54 -7.43 19.16 -35.18
N GLU A 55 -8.34 19.94 -34.64
CA GLU A 55 -7.99 21.22 -34.09
C GLU A 55 -7.90 21.14 -32.56
N ALA A 56 -8.61 20.18 -31.95
CA ALA A 56 -8.61 20.06 -30.48
C ALA A 56 -7.46 19.17 -30.00
N PRO A 57 -6.75 19.60 -28.95
CA PRO A 57 -5.73 18.73 -28.35
C PRO A 57 -6.36 17.46 -27.77
N LEU A 58 -5.65 16.34 -27.87
CA LEU A 58 -6.14 15.10 -27.31
C LEU A 58 -6.10 15.17 -25.77
N PRO A 59 -6.78 14.23 -25.06
CA PRO A 59 -6.75 14.20 -23.61
C PRO A 59 -5.33 14.34 -23.06
N GLY A 60 -5.14 15.30 -22.18
CA GLY A 60 -3.85 15.49 -21.53
C GLY A 60 -2.79 16.23 -22.33
N GLU A 61 -3.00 16.37 -23.63
CA GLU A 61 -2.05 17.11 -24.49
C GLU A 61 -1.85 18.58 -24.09
N ALA A 62 -2.94 19.28 -23.73
CA ALA A 62 -2.89 20.71 -23.41
C ALA A 62 -1.86 21.02 -22.36
N GLY A 63 -1.67 20.06 -21.44
CA GLY A 63 -0.77 20.21 -20.29
C GLY A 63 0.70 20.22 -20.67
N GLY A 64 1.03 19.69 -21.86
CA GLY A 64 2.40 19.82 -22.41
C GLY A 64 3.36 18.66 -22.10
N ASN A 65 2.85 17.66 -21.38
CA ASN A 65 3.63 16.51 -20.97
C ASN A 65 3.48 15.32 -21.92
N ILE A 66 2.69 15.49 -22.98
CA ILE A 66 2.30 14.34 -23.79
C ILE A 66 2.60 14.57 -25.27
N HIS A 67 3.27 13.63 -25.92
CA HIS A 67 3.83 13.88 -27.24
C HIS A 67 3.53 12.80 -28.25
N THR A 68 2.95 11.69 -27.79
CA THR A 68 2.71 10.50 -28.65
C THR A 68 1.34 9.94 -28.33
N LEU A 69 0.77 9.18 -29.24
CA LEU A 69 -0.52 8.54 -28.97
C LEU A 69 -0.45 7.60 -27.75
N ALA A 70 0.66 6.89 -27.59
CA ALA A 70 0.82 6.00 -26.44
C ALA A 70 0.69 6.80 -25.13
N GLY A 71 1.28 8.00 -25.10
CA GLY A 71 1.20 8.87 -23.92
C GLY A 71 -0.21 9.28 -23.51
N VAL A 72 -1.07 9.47 -24.51
CA VAL A 72 -2.50 9.71 -24.26
C VAL A 72 -3.15 8.49 -23.64
N LEU A 74 -1.71 6.26 -21.79
CA LEU A 74 -1.23 6.17 -20.43
C LEU A 74 -1.84 7.25 -19.50
N TYR A 75 -1.94 8.48 -20.00
CA TYR A 75 -2.65 9.55 -19.28
C TYR A 75 -4.08 9.16 -18.94
N GLN A 76 -4.79 8.64 -19.92
CA GLN A 76 -6.20 8.32 -19.81
C GLN A 76 -6.44 7.00 -19.09
N LEU A 77 -5.63 5.99 -19.40
CA LEU A 77 -5.89 4.66 -18.89
C LEU A 77 -5.01 4.21 -17.72
N GLY A 78 -3.96 4.98 -17.39
CA GLY A 78 -3.01 4.59 -16.33
C GLY A 78 -1.72 4.02 -16.87
N ARG A 79 -0.72 3.86 -16.00
CA ARG A 79 0.63 3.44 -16.44
C ARG A 79 0.70 2.05 -17.06
N VAL A 80 -0.15 1.12 -16.63
CA VAL A 80 -0.17 -0.19 -17.30
C VAL A 80 -1.62 -0.56 -17.65
N PRO A 81 -2.05 -0.10 -18.83
CA PRO A 81 -3.38 -0.42 -19.33
C PRO A 81 -3.35 -1.84 -19.87
N SER A 82 -4.52 -2.39 -20.17
CA SER A 82 -4.60 -3.74 -20.65
C SER A 82 -5.14 -3.69 -22.06
N VAL A 83 -4.81 -4.71 -22.82
CA VAL A 83 -5.45 -4.93 -24.12
C VAL A 83 -6.98 -4.88 -23.95
N THR A 84 -7.66 -4.19 -24.86
CA THR A 84 -9.10 -3.89 -24.84
C THR A 84 -9.50 -2.64 -24.04
N ASP A 85 -8.68 -2.11 -23.13
CA ASP A 85 -9.04 -0.83 -22.49
C ASP A 85 -9.36 0.18 -23.61
N ARG A 86 -10.41 0.94 -23.42
CA ARG A 86 -10.97 1.78 -24.48
C ARG A 86 -11.49 3.04 -23.83
N PHE A 87 -11.47 4.14 -24.58
CA PHE A 87 -12.20 5.33 -24.21
C PHE A 87 -12.61 6.08 -25.45
N GLU A 88 -13.43 7.10 -25.24
CA GLU A 88 -13.94 7.90 -26.34
C GLU A 88 -13.59 9.33 -26.07
N TRP A 89 -13.43 10.09 -27.15
CA TRP A 89 -13.07 11.50 -27.05
C TRP A 89 -13.42 12.16 -28.35
N ASN A 90 -14.28 13.18 -28.29
CA ASN A 90 -14.53 14.05 -29.45
C ASN A 90 -14.88 13.28 -30.73
N GLY A 91 -15.71 12.24 -30.62
CA GLY A 91 -16.11 11.48 -31.79
C GLY A 91 -15.17 10.38 -32.26
N PHE A 92 -14.13 10.10 -31.47
CA PHE A 92 -13.21 9.00 -31.69
C PHE A 92 -13.27 8.00 -30.54
N SER A 93 -12.99 6.74 -30.86
CA SER A 93 -12.66 5.77 -29.83
C SER A 93 -11.19 5.37 -30.01
N PHE A 94 -10.57 4.96 -28.90
CA PHE A 94 -9.21 4.50 -28.84
C PHE A 94 -9.23 3.24 -28.00
N GLU A 95 -8.77 2.15 -28.57
CA GLU A 95 -8.70 0.87 -27.89
C GLU A 95 -7.28 0.31 -27.99
N VAL A 96 -6.73 -0.10 -26.84
CA VAL A 96 -5.42 -0.74 -26.79
C VAL A 96 -5.52 -2.13 -27.40
N VAL A 97 -4.77 -2.39 -28.48
CA VAL A 97 -4.88 -3.70 -29.12
C VAL A 97 -3.60 -4.55 -28.96
N ASP A 98 -2.50 -3.88 -28.66
CA ASP A 98 -1.27 -4.58 -28.31
C ASP A 98 -0.41 -3.82 -27.37
N ASP A 100 3.51 -4.33 -25.56
CA ASP A 100 4.75 -5.07 -25.55
C ASP A 100 5.41 -4.77 -24.22
N ARG A 101 5.22 -5.68 -23.27
CA ARG A 101 5.51 -5.43 -21.86
C ARG A 101 4.80 -4.15 -21.41
N THR A 102 5.53 -3.14 -20.96
CA THR A 102 4.89 -1.89 -20.49
C THR A 102 4.51 -0.91 -21.60
N ARG A 103 4.91 -1.18 -22.84
CA ARG A 103 4.69 -0.22 -23.93
C ARG A 103 3.35 -0.45 -24.63
N VAL A 104 2.58 0.62 -24.81
CA VAL A 104 1.38 0.58 -25.62
C VAL A 104 1.85 0.61 -27.08
N ASP A 105 1.78 -0.54 -27.75
CA ASP A 105 2.40 -0.69 -29.06
C ASP A 105 1.43 -0.46 -30.22
N LYS A 106 0.17 -0.78 -30.06
CA LYS A 106 -0.81 -0.56 -31.14
C LYS A 106 -2.17 -0.14 -30.58
N ILE A 107 -2.77 0.83 -31.25
CA ILE A 107 -4.06 1.39 -30.84
C ILE A 107 -5.03 1.31 -32.03
N LEU A 108 -6.27 0.84 -31.75
CA LEU A 108 -7.36 0.87 -32.70
C LEU A 108 -8.06 2.23 -32.54
N VAL A 109 -8.02 3.04 -33.59
CA VAL A 109 -8.60 4.35 -33.57
C VAL A 109 -9.80 4.33 -34.52
N GLN A 110 -10.92 4.86 -34.09
CA GLN A 110 -12.08 4.87 -34.95
C GLN A 110 -12.89 6.14 -34.74
N ARG A 111 -13.32 6.71 -35.86
CA ARG A 111 -14.21 7.86 -35.86
C ARG A 111 -15.65 7.37 -35.85
N HIS A 112 -16.49 8.00 -35.05
CA HIS A 112 -17.90 7.62 -34.91
C HIS A 112 -18.84 8.75 -35.32
N HIS A 113 -19.87 8.46 -36.11
CA HIS A 113 -20.90 9.47 -36.41
C HIS A 113 -21.77 9.93 -35.23
N ASP B 27 -5.04 -19.08 -21.50
CA ASP B 27 -5.06 -18.67 -22.94
C ASP B 27 -4.38 -17.31 -23.15
N GLU B 28 -3.47 -17.27 -24.10
CA GLU B 28 -2.73 -16.03 -24.41
CA GLU B 28 -2.72 -16.09 -24.46
C GLU B 28 -3.58 -15.10 -25.31
N ILE B 29 -4.86 -14.94 -24.93
CA ILE B 29 -5.87 -14.20 -25.72
C ILE B 29 -6.93 -13.45 -24.92
N VAL B 30 -7.37 -12.29 -25.42
CA VAL B 30 -8.30 -11.44 -24.64
C VAL B 30 -9.52 -11.06 -25.46
N GLN B 31 -10.71 -11.14 -24.84
CA GLN B 31 -11.94 -10.97 -25.58
C GLN B 31 -12.41 -9.51 -25.60
N ARG B 32 -12.69 -9.03 -26.82
CA ARG B 32 -13.23 -7.70 -27.06
C ARG B 32 -14.76 -7.65 -26.86
N GLU B 33 -15.31 -6.44 -26.79
CA GLU B 33 -16.74 -6.19 -26.56
C GLU B 33 -17.62 -6.87 -27.63
N ASP B 34 -17.10 -7.01 -28.85
CA ASP B 34 -17.90 -7.61 -29.94
C ASP B 34 -17.74 -9.14 -30.06
N GLY B 35 -17.03 -9.75 -29.12
CA GLY B 35 -16.88 -11.18 -29.06
C GLY B 35 -15.58 -11.69 -29.65
N SER B 36 -14.90 -10.86 -30.45
CA SER B 36 -13.63 -11.23 -31.08
C SER B 36 -12.49 -11.26 -30.04
N TRP B 37 -11.36 -11.84 -30.44
CA TRP B 37 -10.23 -12.05 -29.53
C TRP B 37 -8.96 -11.46 -30.10
N LEU B 38 -8.21 -10.75 -29.26
CA LEU B 38 -6.83 -10.37 -29.59
C LEU B 38 -5.90 -11.44 -29.06
N VAL B 39 -5.26 -12.14 -30.00
CA VAL B 39 -4.49 -13.33 -29.69
C VAL B 39 -3.04 -13.12 -30.06
N ASP B 40 -2.17 -13.42 -29.11
CA ASP B 40 -0.73 -13.38 -29.33
C ASP B 40 -0.34 -14.45 -30.36
N GLY B 41 0.54 -14.11 -31.29
CA GLY B 41 0.96 -15.09 -32.27
C GLY B 41 1.74 -16.26 -31.75
N VAL B 43 0.83 -18.13 -29.35
CA VAL B 43 -0.10 -19.13 -28.83
CA VAL B 43 -0.12 -19.12 -28.85
C VAL B 43 0.06 -20.42 -29.63
N SER B 44 0.14 -21.53 -28.92
CA SER B 44 0.25 -22.81 -29.61
C SER B 44 -1.09 -23.18 -30.26
N LEU B 45 -1.02 -23.88 -31.39
CA LEU B 45 -2.22 -24.40 -32.07
C LEU B 45 -2.99 -25.43 -31.22
N ASP B 46 -2.27 -26.31 -30.51
CA ASP B 46 -2.90 -27.27 -29.58
C ASP B 46 -3.78 -26.50 -28.58
N ARG B 47 -3.25 -25.44 -27.98
CA ARG B 47 -4.00 -24.66 -27.02
C ARG B 47 -5.14 -23.86 -27.69
N PHE B 48 -4.86 -23.31 -28.85
CA PHE B 48 -5.88 -22.63 -29.66
C PHE B 48 -7.09 -23.55 -29.93
N ARG B 49 -6.81 -24.77 -30.38
CA ARG B 49 -7.86 -25.75 -30.72
C ARG B 49 -8.61 -26.21 -29.45
N GLU B 50 -7.89 -26.43 -28.36
CA GLU B 50 -8.50 -26.73 -27.08
C GLU B 50 -9.43 -25.61 -26.57
N PHE B 51 -8.99 -24.36 -26.68
CA PHE B 51 -9.80 -23.22 -26.29
C PHE B 51 -11.10 -23.14 -27.11
N PHE B 52 -10.98 -23.13 -28.43
CA PHE B 52 -12.15 -22.96 -29.30
C PHE B 52 -12.89 -24.26 -29.61
N GLU B 53 -12.42 -25.34 -29.00
CA GLU B 53 -13.02 -26.66 -29.14
C GLU B 53 -13.08 -27.07 -30.62
N LEU B 54 -11.90 -27.17 -31.22
CA LEU B 54 -11.74 -27.61 -32.60
C LEU B 54 -10.87 -28.85 -32.67
N GLU B 55 -10.91 -29.52 -33.82
CA GLU B 55 -10.15 -30.74 -34.09
C GLU B 55 -9.29 -30.58 -35.34
N ALA B 56 -9.88 -29.91 -36.34
CA ALA B 56 -9.25 -29.62 -37.63
C ALA B 56 -7.89 -28.91 -37.51
N PRO B 57 -6.89 -29.38 -38.27
CA PRO B 57 -5.62 -28.63 -38.26
C PRO B 57 -5.79 -27.25 -38.93
N LEU B 58 -5.10 -26.22 -38.43
CA LEU B 58 -5.12 -24.90 -39.09
C LEU B 58 -4.26 -24.95 -40.37
N PRO B 59 -4.46 -23.99 -41.30
CA PRO B 59 -3.68 -24.02 -42.55
C PRO B 59 -2.17 -24.13 -42.32
N GLY B 60 -1.54 -25.08 -42.99
CA GLY B 60 -0.10 -25.24 -42.93
C GLY B 60 0.38 -26.17 -41.83
N GLU B 61 -0.49 -26.45 -40.86
CA GLU B 61 -0.14 -27.35 -39.78
C GLU B 61 0.21 -28.80 -40.23
N ALA B 62 -0.46 -29.32 -41.27
CA ALA B 62 -0.15 -30.64 -41.86
C ALA B 62 1.28 -30.79 -42.38
N GLY B 63 1.87 -29.72 -42.90
CA GLY B 63 3.27 -29.71 -43.34
C GLY B 63 4.26 -30.14 -42.26
N GLY B 64 3.86 -29.99 -41.00
CA GLY B 64 4.61 -30.52 -39.85
C GLY B 64 5.58 -29.55 -39.19
N ASN B 65 5.81 -28.42 -39.85
CA ASN B 65 6.73 -27.38 -39.41
C ASN B 65 6.12 -26.29 -38.48
N ILE B 66 4.80 -26.26 -38.35
CA ILE B 66 4.12 -25.12 -37.72
C ILE B 66 3.36 -25.47 -36.42
N HIS B 67 3.59 -24.68 -35.36
CA HIS B 67 3.04 -25.00 -34.05
C HIS B 67 2.33 -23.85 -33.35
N THR B 68 2.41 -22.66 -33.95
CA THR B 68 1.88 -21.43 -33.38
C THR B 68 0.93 -20.72 -34.34
N LEU B 69 0.14 -19.79 -33.80
CA LEU B 69 -0.76 -18.99 -34.61
C LEU B 69 0.01 -18.13 -35.59
N ALA B 70 1.09 -17.48 -35.13
CA ALA B 70 1.92 -16.65 -36.06
C ALA B 70 2.43 -17.49 -37.23
N GLY B 71 2.81 -18.75 -36.96
CA GLY B 71 3.30 -19.64 -38.01
C GLY B 71 2.29 -19.86 -39.10
N VAL B 72 1.04 -20.02 -38.68
CA VAL B 72 -0.06 -20.16 -39.60
C VAL B 72 -0.26 -18.89 -40.41
N LEU B 74 1.95 -16.68 -41.42
CA LEU B 74 3.00 -16.55 -42.39
C LEU B 74 2.83 -17.58 -43.52
N TYR B 75 2.35 -18.76 -43.18
CA TYR B 75 2.03 -19.78 -44.17
C TYR B 75 0.90 -19.27 -45.06
N GLN B 76 -0.14 -18.73 -44.44
CA GLN B 76 -1.33 -18.36 -45.20
C GLN B 76 -1.15 -17.05 -45.95
N LEU B 77 -0.40 -16.12 -45.37
CA LEU B 77 -0.31 -14.77 -45.88
C LEU B 77 1.07 -14.39 -46.39
N GLY B 78 2.05 -15.28 -46.33
CA GLY B 78 3.38 -14.95 -46.84
C GLY B 78 4.35 -14.50 -45.77
N ARG B 79 5.64 -14.42 -46.12
CA ARG B 79 6.72 -14.28 -45.09
C ARG B 79 6.75 -12.93 -44.38
N VAL B 80 6.36 -11.88 -45.07
CA VAL B 80 6.13 -10.65 -44.34
C VAL B 80 4.70 -10.10 -44.63
N PRO B 81 3.73 -10.54 -43.85
CA PRO B 81 2.37 -9.97 -44.02
C PRO B 81 2.32 -8.52 -43.54
N SER B 82 1.19 -7.87 -43.84
CA SER B 82 0.96 -6.49 -43.46
C SER B 82 -0.22 -6.48 -42.53
N VAL B 83 -0.21 -5.53 -41.60
CA VAL B 83 -1.35 -5.19 -40.74
CA VAL B 83 -1.36 -5.26 -40.73
C VAL B 83 -2.62 -5.08 -41.60
N THR B 84 -3.72 -5.69 -41.15
CA THR B 84 -5.06 -5.77 -41.85
C THR B 84 -5.18 -6.96 -42.81
N ASP B 85 -4.07 -7.58 -43.17
CA ASP B 85 -4.11 -8.80 -43.98
C ASP B 85 -4.94 -9.81 -43.18
N ARG B 86 -5.81 -10.54 -43.87
CA ARG B 86 -6.94 -11.23 -43.23
C ARG B 86 -7.30 -12.45 -44.07
N PHE B 87 -7.75 -13.52 -43.43
CA PHE B 87 -8.41 -14.63 -44.15
C PHE B 87 -9.45 -15.34 -43.29
N GLU B 88 -10.19 -16.24 -43.92
CA GLU B 88 -11.19 -17.05 -43.27
C GLU B 88 -10.75 -18.52 -43.26
N TRP B 89 -11.10 -19.21 -42.18
CA TRP B 89 -10.81 -20.61 -42.04
C TRP B 89 -11.80 -21.21 -41.09
N ASN B 90 -12.53 -22.23 -41.54
CA ASN B 90 -13.34 -23.08 -40.70
C ASN B 90 -14.25 -22.25 -39.79
N GLY B 91 -14.92 -21.25 -40.36
CA GLY B 91 -15.88 -20.43 -39.61
C GLY B 91 -15.26 -19.36 -38.73
N PHE B 92 -13.95 -19.14 -38.88
CA PHE B 92 -13.22 -18.09 -38.14
C PHE B 92 -12.61 -17.06 -39.11
N SER B 93 -12.49 -15.81 -38.69
CA SER B 93 -11.62 -14.90 -39.43
C SER B 93 -10.38 -14.58 -38.62
N PHE B 94 -9.23 -14.41 -39.31
CA PHE B 94 -7.94 -14.08 -38.70
C PHE B 94 -7.39 -12.87 -39.41
N GLU B 95 -7.07 -11.82 -38.63
CA GLU B 95 -6.53 -10.59 -39.18
C GLU B 95 -5.28 -10.17 -38.43
N VAL B 96 -4.25 -9.78 -39.19
CA VAL B 96 -3.03 -9.22 -38.61
C VAL B 96 -3.29 -7.83 -38.05
N VAL B 97 -3.14 -7.68 -36.74
CA VAL B 97 -3.35 -6.35 -36.19
C VAL B 97 -2.09 -5.69 -35.65
N ASP B 98 -1.04 -6.49 -35.47
CA ASP B 98 0.25 -5.95 -35.13
C ASP B 98 1.45 -6.82 -35.57
N ASP B 100 5.67 -6.83 -35.24
CA ASP B 100 6.89 -6.30 -34.64
C ASP B 100 8.07 -6.71 -35.51
N ARG B 101 8.49 -5.80 -36.38
CA ARG B 101 9.37 -6.18 -37.49
C ARG B 101 8.78 -7.37 -38.27
N THR B 102 9.44 -8.54 -38.30
CA THR B 102 8.89 -9.71 -39.02
C THR B 102 8.01 -10.61 -38.15
N ARG B 103 7.86 -10.27 -36.89
CA ARG B 103 7.02 -11.10 -36.03
C ARG B 103 5.56 -10.69 -36.16
N VAL B 104 4.71 -11.71 -36.36
CA VAL B 104 3.27 -11.52 -36.37
C VAL B 104 2.87 -11.52 -34.88
N ASP B 105 2.82 -10.34 -34.30
CA ASP B 105 2.71 -10.22 -32.84
C ASP B 105 1.26 -10.32 -32.29
N LYS B 106 0.28 -9.82 -33.00
CA LYS B 106 -1.08 -9.89 -32.44
C LYS B 106 -2.02 -10.16 -33.57
N ILE B 107 -2.94 -11.09 -33.36
CA ILE B 107 -3.95 -11.46 -34.37
C ILE B 107 -5.33 -11.19 -33.81
N LEU B 108 -6.20 -10.58 -34.62
CA LEU B 108 -7.62 -10.50 -34.30
C LEU B 108 -8.34 -11.76 -34.79
N VAL B 109 -8.95 -12.51 -33.86
CA VAL B 109 -9.64 -13.76 -34.15
C VAL B 109 -11.12 -13.56 -33.86
N GLN B 110 -11.97 -14.05 -34.75
CA GLN B 110 -13.41 -13.86 -34.68
C GLN B 110 -14.14 -15.11 -35.19
N ARG B 111 -14.96 -15.69 -34.33
CA ARG B 111 -15.78 -16.82 -34.71
C ARG B 111 -17.09 -16.31 -35.29
N HIS B 112 -17.45 -16.72 -36.51
CA HIS B 112 -18.84 -16.48 -37.00
C HIS B 112 -19.66 -17.72 -36.78
N ASP C 23 6.78 26.73 32.27
CA ASP C 23 6.58 25.30 32.69
C ASP C 23 7.84 24.76 33.33
N GLY C 24 8.96 24.87 32.63
CA GLY C 24 10.21 24.52 33.26
C GLY C 24 11.40 24.38 32.36
N GLU C 25 11.95 23.15 32.29
CA GLU C 25 11.51 21.95 33.05
C GLU C 25 12.05 20.62 32.48
N GLU C 26 12.73 19.85 33.35
CA GLU C 26 13.54 18.67 32.99
C GLU C 26 12.90 17.64 32.04
N ASP C 27 13.51 17.50 30.86
CA ASP C 27 13.25 16.37 29.97
C ASP C 27 13.90 15.13 30.64
N GLU C 28 13.06 14.15 30.95
CA GLU C 28 13.53 12.94 31.62
C GLU C 28 14.34 12.01 30.71
N ILE C 29 15.48 12.51 30.23
CA ILE C 29 16.38 11.74 29.36
C ILE C 29 17.85 12.07 29.59
N VAL C 30 18.68 11.03 29.72
CA VAL C 30 20.12 11.17 29.98
C VAL C 30 20.92 10.47 28.88
N GLN C 31 21.89 11.16 28.31
CA GLN C 31 22.66 10.61 27.21
C GLN C 31 23.82 9.73 27.68
N ARG C 32 23.99 8.61 26.98
CA ARG C 32 25.07 7.68 27.29
C ARG C 32 26.31 8.05 26.49
N GLU C 33 27.46 7.47 26.88
CA GLU C 33 28.75 7.70 26.22
C GLU C 33 28.67 7.57 24.71
N ASP C 34 27.84 6.65 24.24
CA ASP C 34 27.77 6.27 22.82
C ASP C 34 26.74 7.09 22.05
N GLY C 35 26.10 8.04 22.74
CA GLY C 35 25.18 8.97 22.10
C GLY C 35 23.72 8.58 22.25
N SER C 36 23.46 7.35 22.69
CA SER C 36 22.08 6.94 22.95
C SER C 36 21.56 7.68 24.19
N TRP C 37 20.24 7.59 24.41
CA TRP C 37 19.56 8.29 25.49
C TRP C 37 18.73 7.32 26.30
N LEU C 38 18.78 7.46 27.63
CA LEU C 38 17.90 6.69 28.51
C LEU C 38 16.75 7.60 28.88
N VAL C 39 15.56 7.21 28.45
CA VAL C 39 14.40 8.07 28.52
C VAL C 39 13.31 7.39 29.35
N ASP C 40 12.78 8.13 30.31
CA ASP C 40 11.63 7.70 31.08
C ASP C 40 10.37 7.51 30.23
N GLY C 41 9.63 6.43 30.50
CA GLY C 41 8.37 6.14 29.80
C GLY C 41 7.35 7.26 29.86
N VAL C 43 7.82 10.60 29.73
CA VAL C 43 8.06 11.80 28.94
C VAL C 43 6.93 12.01 27.90
N SER C 44 6.39 13.22 27.82
CA SER C 44 5.32 13.49 26.87
C SER C 44 5.86 13.40 25.44
N LEU C 45 4.96 13.15 24.50
CA LEU C 45 5.36 13.03 23.09
C LEU C 45 5.69 14.41 22.46
N ASP C 46 5.10 15.47 23.00
CA ASP C 46 5.42 16.85 22.60
C ASP C 46 6.86 17.20 22.97
N ARG C 47 7.24 16.88 24.20
CA ARG C 47 8.61 17.05 24.70
C ARG C 47 9.62 16.27 23.88
N PHE C 48 9.26 15.03 23.56
CA PHE C 48 10.11 14.14 22.78
C PHE C 48 10.39 14.73 21.40
N ARG C 49 9.32 15.09 20.69
CA ARG C 49 9.42 15.62 19.34
C ARG C 49 10.15 16.95 19.36
N GLU C 50 9.92 17.74 20.41
CA GLU C 50 10.69 18.96 20.62
C GLU C 50 12.18 18.66 20.85
N PHE C 51 12.48 17.83 21.87
CA PHE C 51 13.86 17.56 22.29
C PHE C 51 14.70 17.00 21.14
N PHE C 52 14.12 16.08 20.38
CA PHE C 52 14.80 15.47 19.24
C PHE C 52 14.55 16.20 17.91
N GLU C 53 13.99 17.41 17.99
CA GLU C 53 13.57 18.21 16.83
C GLU C 53 12.94 17.31 15.73
N LEU C 54 11.79 16.74 16.06
CA LEU C 54 11.03 15.84 15.18
C LEU C 54 9.75 16.52 14.70
N GLU C 55 9.11 15.93 13.70
CA GLU C 55 7.93 16.54 13.12
C GLU C 55 6.78 15.54 13.00
N ALA C 56 7.12 14.29 12.66
CA ALA C 56 6.10 13.28 12.42
C ALA C 56 5.62 12.76 13.76
N PRO C 57 4.33 12.40 13.87
CA PRO C 57 3.86 11.79 15.10
C PRO C 57 4.47 10.41 15.24
N LEU C 58 4.62 9.94 16.48
CA LEU C 58 5.20 8.63 16.70
C LEU C 58 4.13 7.56 16.48
N PRO C 59 4.56 6.29 16.27
CA PRO C 59 3.63 5.20 16.03
C PRO C 59 2.49 5.20 17.06
N GLY C 60 1.26 5.15 16.55
CA GLY C 60 0.05 5.15 17.38
C GLY C 60 -0.41 6.49 17.91
N GLU C 61 0.40 7.54 17.73
CA GLU C 61 0.04 8.87 18.24
C GLU C 61 -1.07 9.55 17.40
N ALA C 62 -1.09 9.31 16.08
CA ALA C 62 -2.11 9.91 15.18
C ALA C 62 -3.55 9.65 15.63
N GLY C 63 -3.80 8.47 16.19
CA GLY C 63 -5.07 8.12 16.84
C GLY C 63 -5.63 9.18 17.79
N GLY C 64 -4.77 9.76 18.62
CA GLY C 64 -5.18 10.87 19.48
C GLY C 64 -5.25 10.49 20.94
N ASN C 65 -4.97 9.23 21.26
CA ASN C 65 -5.16 8.71 22.60
C ASN C 65 -3.89 8.33 23.36
N ILE C 66 -2.75 8.68 22.78
CA ILE C 66 -1.43 8.30 23.31
C ILE C 66 -0.61 9.57 23.44
N HIS C 67 -0.10 9.83 24.64
CA HIS C 67 0.56 11.10 24.92
C HIS C 67 1.93 10.96 25.58
N THR C 68 2.36 9.72 25.82
CA THR C 68 3.68 9.48 26.42
C THR C 68 4.45 8.49 25.56
N LEU C 69 5.78 8.48 25.74
CA LEU C 69 6.62 7.51 25.06
C LEU C 69 6.22 6.06 25.44
N ALA C 70 5.95 5.80 26.71
CA ALA C 70 5.47 4.48 27.16
C ALA C 70 4.24 4.01 26.36
N GLY C 71 3.34 4.96 26.07
CA GLY C 71 2.16 4.73 25.23
C GLY C 71 2.50 4.25 23.83
N VAL C 72 3.54 4.85 23.24
CA VAL C 72 4.02 4.42 21.94
C VAL C 72 4.55 3.00 22.06
N LEU C 74 3.72 0.55 24.12
CA LEU C 74 2.61 -0.40 24.28
C LEU C 74 1.86 -0.57 22.97
N TYR C 75 1.70 0.53 22.24
CA TYR C 75 1.02 0.44 20.95
C TYR C 75 1.86 -0.43 20.00
N GLN C 76 3.16 -0.18 19.97
CA GLN C 76 4.05 -0.91 19.05
C GLN C 76 4.33 -2.35 19.45
N LEU C 77 4.60 -2.58 20.74
CA LEU C 77 5.12 -3.87 21.23
C LEU C 77 4.12 -4.75 22.03
N GLY C 78 2.91 -4.27 22.24
CA GLY C 78 1.91 -4.99 23.02
C GLY C 78 1.79 -4.42 24.43
N ARG C 79 0.76 -4.87 25.15
CA ARG C 79 0.47 -4.42 26.49
C ARG C 79 1.53 -4.80 27.53
N VAL C 80 2.14 -5.96 27.37
CA VAL C 80 3.27 -6.21 28.26
C VAL C 80 4.55 -6.58 27.51
N PRO C 81 5.25 -5.54 27.03
CA PRO C 81 6.49 -5.75 26.31
C PRO C 81 7.51 -6.41 27.25
N SER C 82 8.55 -6.97 26.67
CA SER C 82 9.64 -7.52 27.44
C SER C 82 10.85 -6.58 27.34
N VAL C 83 11.71 -6.62 28.36
CA VAL C 83 12.97 -5.92 28.32
C VAL C 83 13.75 -6.46 27.12
N THR C 84 14.37 -5.55 26.36
CA THR C 84 15.03 -5.81 25.06
C THR C 84 14.10 -5.76 23.81
N ASP C 85 12.78 -5.83 24.00
CA ASP C 85 11.84 -5.56 22.86
C ASP C 85 12.21 -4.19 22.31
N ARG C 86 12.29 -4.11 20.98
CA ARG C 86 12.75 -2.90 20.31
C ARG C 86 12.16 -2.78 18.92
N PHE C 87 12.19 -1.56 18.38
CA PHE C 87 11.78 -1.33 17.00
C PHE C 87 12.48 -0.09 16.49
N GLU C 88 12.38 0.12 15.18
CA GLU C 88 12.95 1.29 14.56
C GLU C 88 11.83 2.12 13.95
N TRP C 89 11.93 3.43 14.15
CA TRP C 89 10.97 4.34 13.57
C TRP C 89 11.66 5.63 13.21
N ASN C 90 11.45 6.08 11.98
CA ASN C 90 11.91 7.41 11.52
C ASN C 90 13.33 7.78 11.95
N GLY C 91 14.26 6.82 11.84
CA GLY C 91 15.70 7.08 12.03
C GLY C 91 16.21 6.83 13.44
N PHE C 92 15.32 6.31 14.30
CA PHE C 92 15.61 6.02 15.69
C PHE C 92 15.32 4.58 15.99
N SER C 93 16.02 4.04 16.97
CA SER C 93 15.61 2.81 17.60
C SER C 93 15.11 3.09 19.03
N PHE C 94 14.17 2.26 19.45
CA PHE C 94 13.54 2.31 20.77
C PHE C 94 13.66 0.91 21.35
N GLU C 95 14.25 0.80 22.53
CA GLU C 95 14.38 -0.49 23.21
C GLU C 95 13.96 -0.40 24.68
N VAL C 96 13.10 -1.33 25.09
CA VAL C 96 12.65 -1.40 26.48
C VAL C 96 13.81 -1.89 27.34
N VAL C 97 14.29 -1.04 28.24
CA VAL C 97 15.37 -1.46 29.11
C VAL C 97 14.95 -1.70 30.56
N ASP C 98 13.77 -1.23 30.93
CA ASP C 98 13.19 -1.53 32.25
C ASP C 98 11.69 -1.45 32.26
N ASP C 100 8.44 -1.93 35.10
CA ASP C 100 8.07 -2.08 36.50
C ASP C 100 6.68 -2.68 36.51
N ARG C 101 6.65 -4.00 36.63
CA ARG C 101 5.45 -4.82 36.35
C ARG C 101 4.95 -4.49 34.96
N THR C 102 3.80 -3.83 34.85
CA THR C 102 3.18 -3.54 33.54
C THR C 102 3.64 -2.24 32.91
N ARG C 103 4.23 -1.36 33.72
CA ARG C 103 4.71 -0.05 33.29
C ARG C 103 6.08 -0.14 32.60
N VAL C 104 6.14 0.45 31.40
CA VAL C 104 7.38 0.61 30.66
C VAL C 104 8.12 1.81 31.27
N ASP C 105 9.10 1.54 32.11
CA ASP C 105 9.69 2.59 32.94
C ASP C 105 10.89 3.33 32.27
N LYS C 106 11.65 2.65 31.45
CA LYS C 106 12.82 3.25 30.84
C LYS C 106 13.03 2.64 29.46
N ILE C 107 13.30 3.53 28.49
CA ILE C 107 13.50 3.13 27.09
C ILE C 107 14.86 3.64 26.67
N LEU C 108 15.62 2.83 25.91
CA LEU C 108 16.86 3.28 25.25
C LEU C 108 16.55 3.77 23.83
N VAL C 109 16.85 5.05 23.58
CA VAL C 109 16.55 5.74 22.35
C VAL C 109 17.86 6.14 21.70
N GLN C 110 18.01 5.79 20.43
CA GLN C 110 19.21 6.12 19.71
C GLN C 110 18.90 6.58 18.29
N ARG C 111 19.39 7.75 17.94
CA ARG C 111 19.25 8.29 16.61
C ARG C 111 20.35 7.68 15.77
N HIS C 112 19.99 6.99 14.68
CA HIS C 112 20.98 6.39 13.77
C HIS C 112 21.41 7.36 12.67
N HIS C 113 22.68 7.28 12.29
CA HIS C 113 23.22 8.09 11.17
C HIS C 113 22.89 7.49 9.80
N ASP D 27 18.27 -16.41 37.06
CA ASP D 27 18.90 -15.05 36.96
C ASP D 27 17.82 -14.03 36.57
N GLU D 28 17.73 -12.96 37.37
CA GLU D 28 16.83 -11.83 37.12
C GLU D 28 17.49 -10.86 36.11
N ILE D 29 17.85 -11.41 34.95
CA ILE D 29 18.60 -10.63 33.94
C ILE D 29 18.35 -11.11 32.53
N VAL D 30 18.37 -10.16 31.59
CA VAL D 30 18.06 -10.45 30.19
C VAL D 30 19.19 -9.91 29.32
N GLN D 31 19.64 -10.73 28.37
CA GLN D 31 20.72 -10.37 27.48
C GLN D 31 20.22 -9.57 26.29
N ARG D 32 20.97 -8.52 25.99
CA ARG D 32 20.77 -7.72 24.80
C ARG D 32 21.58 -8.27 23.61
N GLU D 33 21.36 -7.70 22.42
CA GLU D 33 21.97 -8.16 21.16
C GLU D 33 23.48 -8.05 21.16
N ASP D 34 24.02 -7.02 21.81
CA ASP D 34 25.46 -6.85 21.86
C ASP D 34 26.12 -7.75 22.92
N GLY D 35 25.32 -8.58 23.57
CA GLY D 35 25.83 -9.52 24.55
C GLY D 35 25.79 -9.01 25.98
N SER D 36 25.56 -7.71 26.15
CA SER D 36 25.38 -7.15 27.48
C SER D 36 24.07 -7.62 28.08
N TRP D 37 23.93 -7.35 29.39
CA TRP D 37 22.87 -7.87 30.22
C TRP D 37 22.17 -6.75 30.98
N LEU D 38 20.86 -6.75 30.92
CA LEU D 38 20.06 -5.85 31.75
C LEU D 38 19.68 -6.58 33.05
N VAL D 39 20.25 -6.14 34.17
CA VAL D 39 20.16 -6.89 35.44
C VAL D 39 19.47 -6.10 36.52
N ASP D 40 18.50 -6.72 37.19
CA ASP D 40 17.79 -6.11 38.32
C ASP D 40 18.72 -5.89 39.51
N GLY D 41 18.55 -4.73 40.15
CA GLY D 41 19.25 -4.37 41.37
C GLY D 41 19.13 -5.39 42.48
N VAL D 43 18.97 -8.69 42.35
CA VAL D 43 19.68 -9.95 42.14
C VAL D 43 20.74 -10.14 43.26
N SER D 44 20.77 -11.31 43.89
CA SER D 44 21.72 -11.55 44.96
C SER D 44 23.11 -11.77 44.39
N LEU D 45 24.13 -11.51 45.21
CA LEU D 45 25.50 -11.55 44.73
C LEU D 45 25.98 -13.00 44.52
N ASP D 46 25.47 -13.91 45.33
CA ASP D 46 25.65 -15.34 45.14
C ASP D 46 25.11 -15.79 43.77
N ARG D 47 23.88 -15.39 43.45
CA ARG D 47 23.27 -15.73 42.17
C ARG D 47 23.99 -15.05 41.00
N PHE D 48 24.45 -13.82 41.19
CA PHE D 48 25.31 -13.13 40.23
C PHE D 48 26.61 -13.90 39.95
N ARG D 49 27.35 -14.22 41.02
CA ARG D 49 28.59 -15.01 40.86
C ARG D 49 28.33 -16.36 40.20
N GLU D 50 27.27 -17.04 40.61
CA GLU D 50 26.92 -18.32 40.00
C GLU D 50 26.67 -18.21 38.49
N PHE D 51 25.89 -17.22 38.09
CA PHE D 51 25.51 -17.07 36.67
C PHE D 51 26.71 -16.81 35.73
N PHE D 52 27.59 -15.90 36.15
CA PHE D 52 28.75 -15.48 35.36
C PHE D 52 29.98 -16.28 35.75
N GLU D 53 29.78 -17.25 36.64
CA GLU D 53 30.86 -18.13 37.13
C GLU D 53 32.07 -17.32 37.55
N LEU D 54 31.84 -16.43 38.51
CA LEU D 54 32.90 -15.67 39.13
C LEU D 54 33.14 -16.31 40.48
N GLU D 55 34.28 -16.00 41.08
CA GLU D 55 34.63 -16.56 42.38
C GLU D 55 34.84 -15.42 43.35
N ALA D 56 35.27 -14.28 42.81
CA ALA D 56 35.63 -13.11 43.60
C ALA D 56 34.43 -12.36 44.14
N PRO D 57 34.52 -11.89 45.40
CA PRO D 57 33.58 -10.93 45.99
C PRO D 57 33.49 -9.61 45.18
N LEU D 58 32.28 -9.08 45.04
CA LEU D 58 32.08 -7.82 44.33
C LEU D 58 32.53 -6.62 45.22
N PRO D 59 32.75 -5.43 44.62
CA PRO D 59 33.20 -4.32 45.50
C PRO D 59 32.23 -4.05 46.63
N GLY D 60 32.75 -3.95 47.86
CA GLY D 60 31.94 -3.70 49.04
C GLY D 60 31.46 -4.94 49.77
N GLU D 61 31.47 -6.07 49.05
CA GLU D 61 30.94 -7.31 49.59
C GLU D 61 31.71 -7.78 50.81
N ALA D 62 33.04 -7.63 50.80
CA ALA D 62 33.88 -7.96 51.97
C ALA D 62 33.47 -7.25 53.28
N GLY D 63 32.79 -6.11 53.15
CA GLY D 63 32.18 -5.43 54.30
C GLY D 63 31.14 -6.22 55.09
N GLY D 64 30.51 -7.20 54.44
CA GLY D 64 29.54 -8.10 55.10
C GLY D 64 28.08 -7.65 55.08
N ASN D 65 27.87 -6.37 54.81
CA ASN D 65 26.54 -5.75 54.88
C ASN D 65 25.76 -5.85 53.55
N ILE D 66 26.47 -6.18 52.46
CA ILE D 66 25.97 -6.04 51.08
C ILE D 66 25.73 -7.41 50.40
N HIS D 67 24.50 -7.63 49.90
CA HIS D 67 24.11 -8.95 49.37
C HIS D 67 23.30 -8.90 48.06
N THR D 68 23.15 -7.69 47.50
CA THR D 68 22.47 -7.49 46.22
C THR D 68 23.36 -6.65 45.33
N LEU D 69 23.13 -6.75 44.03
CA LEU D 69 23.83 -5.92 43.05
C LEU D 69 23.65 -4.40 43.30
N ALA D 70 22.43 -3.97 43.61
CA ALA D 70 22.13 -2.57 43.95
C ALA D 70 23.07 -2.07 45.07
N GLY D 71 23.21 -2.89 46.12
CA GLY D 71 24.16 -2.67 47.22
C GLY D 71 25.59 -2.44 46.78
N VAL D 72 26.05 -3.22 45.81
CA VAL D 72 27.37 -2.99 45.24
C VAL D 72 27.45 -1.60 44.57
N LEU D 74 25.71 1.12 45.13
CA LEU D 74 25.70 2.17 46.16
C LEU D 74 27.04 2.28 46.86
N TYR D 75 27.66 1.13 47.10
CA TYR D 75 29.00 1.11 47.71
C TYR D 75 29.99 1.83 46.80
N GLN D 76 29.98 1.46 45.52
CA GLN D 76 30.92 1.99 44.53
C GLN D 76 30.64 3.43 44.08
N LEU D 77 29.37 3.74 43.87
CA LEU D 77 28.93 4.99 43.24
C LEU D 77 28.30 6.03 44.15
N GLY D 78 28.09 5.65 45.42
CA GLY D 78 27.48 6.55 46.40
C GLY D 78 26.01 6.22 46.61
N ARG D 79 25.38 6.88 47.58
CA ARG D 79 24.02 6.53 48.02
C ARG D 79 22.94 6.92 47.03
N VAL D 80 23.21 7.97 46.26
CA VAL D 80 22.28 8.30 45.19
C VAL D 80 23.07 8.39 43.89
N PRO D 81 23.28 7.24 43.24
CA PRO D 81 23.89 7.26 41.93
C PRO D 81 22.94 7.91 40.93
N SER D 82 23.49 8.30 39.79
CA SER D 82 22.74 8.83 38.69
C SER D 82 22.81 7.80 37.54
N VAL D 83 21.78 7.81 36.72
CA VAL D 83 21.69 7.02 35.50
C VAL D 83 22.92 7.40 34.67
N THR D 84 23.52 6.38 34.04
CA THR D 84 24.79 6.41 33.29
C THR D 84 26.04 6.29 34.14
N ASP D 85 25.95 6.52 35.47
CA ASP D 85 27.11 6.26 36.35
C ASP D 85 27.56 4.83 36.13
N ARG D 86 28.88 4.65 36.15
CA ARG D 86 29.48 3.47 35.56
C ARG D 86 30.85 3.19 36.20
N PHE D 87 31.19 1.91 36.37
CA PHE D 87 32.55 1.55 36.74
C PHE D 87 32.89 0.21 36.14
N GLU D 88 34.16 -0.16 36.25
CA GLU D 88 34.63 -1.45 35.76
C GLU D 88 35.18 -2.24 36.92
N TRP D 89 35.00 -3.55 36.88
CA TRP D 89 35.52 -4.44 37.92
C TRP D 89 35.73 -5.85 37.37
N ASN D 90 36.95 -6.38 37.50
CA ASN D 90 37.20 -7.79 37.24
C ASN D 90 36.68 -8.20 35.84
N GLY D 91 37.02 -7.42 34.80
CA GLY D 91 36.59 -7.72 33.41
C GLY D 91 35.16 -7.33 33.03
N PHE D 92 34.45 -6.73 33.96
CA PHE D 92 33.05 -6.33 33.73
C PHE D 92 32.87 -4.82 33.81
N SER D 93 31.84 -4.32 33.14
CA SER D 93 31.35 -2.97 33.38
C SER D 93 29.96 -3.05 33.98
N PHE D 94 29.63 -2.07 34.82
CA PHE D 94 28.34 -1.94 35.46
C PHE D 94 27.95 -0.48 35.26
N GLU D 95 26.83 -0.24 34.59
CA GLU D 95 26.27 1.11 34.42
C GLU D 95 24.82 1.16 34.96
N VAL D 96 24.52 2.17 35.76
CA VAL D 96 23.13 2.43 36.19
C VAL D 96 22.29 2.87 34.96
N VAL D 97 21.32 2.06 34.58
CA VAL D 97 20.42 2.46 33.51
C VAL D 97 19.03 2.91 34.01
N ASP D 98 18.66 2.56 35.24
CA ASP D 98 17.41 3.04 35.84
C ASP D 98 17.43 3.15 37.36
N ASP D 100 14.69 4.15 40.54
CA ASP D 100 13.33 4.48 40.96
C ASP D 100 13.45 5.17 42.32
N ARG D 101 13.42 6.50 42.26
CA ARG D 101 13.84 7.38 43.36
C ARG D 101 15.25 7.01 43.85
N THR D 102 15.34 6.47 45.08
CA THR D 102 16.64 6.02 45.66
C THR D 102 17.01 4.57 45.32
N ARG D 103 16.11 3.85 44.64
CA ARG D 103 16.40 2.47 44.32
C ARG D 103 17.19 2.40 43.00
N VAL D 104 18.30 1.66 43.03
CA VAL D 104 19.06 1.30 41.85
C VAL D 104 18.32 0.09 41.22
N ASP D 105 17.43 0.39 40.28
CA ASP D 105 16.50 -0.57 39.76
C ASP D 105 17.01 -1.48 38.65
N LYS D 106 17.80 -0.94 37.72
CA LYS D 106 18.35 -1.73 36.62
C LYS D 106 19.78 -1.33 36.32
N ILE D 107 20.60 -2.35 36.10
CA ILE D 107 22.03 -2.18 35.84
C ILE D 107 22.34 -2.84 34.50
N LEU D 108 23.10 -2.16 33.67
CA LEU D 108 23.63 -2.78 32.47
C LEU D 108 25.01 -3.34 32.77
N VAL D 109 25.15 -4.65 32.58
CA VAL D 109 26.36 -5.38 32.91
C VAL D 109 26.94 -5.97 31.61
N GLN D 110 28.22 -5.71 31.36
CA GLN D 110 28.86 -6.32 30.20
C GLN D 110 30.22 -6.92 30.56
N ARG D 111 30.45 -8.13 30.05
CA ARG D 111 31.71 -8.83 30.21
C ARG D 111 32.58 -8.44 29.02
N HIS D 112 33.78 -7.93 29.28
CA HIS D 112 34.74 -7.66 28.21
C HIS D 112 35.84 -8.73 28.12
N ASP E 27 -3.66 16.44 9.33
CA ASP E 27 -3.52 15.29 8.37
C ASP E 27 -4.78 14.40 8.29
N GLU E 28 -5.48 14.51 7.17
CA GLU E 28 -6.71 13.76 6.97
C GLU E 28 -6.39 12.33 6.53
N ILE E 29 -6.00 11.55 7.53
CA ILE E 29 -5.75 10.11 7.41
C ILE E 29 -6.05 9.54 8.77
N VAL E 30 -6.77 8.43 8.78
CA VAL E 30 -7.20 7.78 10.01
C VAL E 30 -6.90 6.32 9.90
N GLN E 31 -6.29 5.78 10.95
CA GLN E 31 -5.84 4.40 10.91
C GLN E 31 -6.94 3.47 11.36
N ARG E 32 -7.11 2.36 10.63
CA ARG E 32 -8.01 1.28 10.98
C ARG E 32 -7.34 0.27 11.88
N GLU E 33 -8.12 -0.61 12.47
CA GLU E 33 -7.63 -1.47 13.53
C GLU E 33 -6.67 -2.54 12.99
N ASP E 34 -6.74 -2.80 11.68
CA ASP E 34 -5.80 -3.72 11.01
C ASP E 34 -4.47 -3.04 10.62
N GLY E 35 -4.32 -1.74 10.90
CA GLY E 35 -3.12 -1.02 10.46
C GLY E 35 -3.20 -0.27 9.13
N SER E 36 -4.21 -0.55 8.30
CA SER E 36 -4.46 0.25 7.11
C SER E 36 -4.97 1.66 7.50
N TRP E 37 -4.90 2.59 6.53
CA TRP E 37 -5.35 3.95 6.73
C TRP E 37 -6.35 4.35 5.64
N LEU E 38 -7.39 5.09 6.05
CA LEU E 38 -8.24 5.82 5.11
C LEU E 38 -7.69 7.24 4.95
N VAL E 39 -7.20 7.54 3.74
CA VAL E 39 -6.52 8.80 3.46
C VAL E 39 -7.27 9.61 2.39
N ASP E 40 -7.50 10.87 2.70
CA ASP E 40 -8.11 11.84 1.78
C ASP E 40 -7.17 12.03 0.56
N GLY E 41 -7.75 12.10 -0.63
CA GLY E 41 -6.95 12.30 -1.83
C GLY E 41 -6.20 13.63 -1.85
N VAL E 43 -4.45 15.00 0.52
CA VAL E 43 -3.23 15.04 1.33
C VAL E 43 -2.00 15.30 0.46
N SER E 44 -1.17 16.25 0.89
CA SER E 44 0.03 16.56 0.15
C SER E 44 1.02 15.40 0.24
N LEU E 45 1.89 15.30 -0.75
CA LEU E 45 2.89 14.24 -0.77
C LEU E 45 4.02 14.41 0.24
N ASP E 46 4.33 15.67 0.59
CA ASP E 46 5.33 15.93 1.62
C ASP E 46 4.88 15.34 2.94
N ARG E 47 3.65 15.69 3.34
CA ARG E 47 3.08 15.21 4.57
C ARG E 47 2.99 13.66 4.58
N PHE E 48 2.44 13.10 3.50
CA PHE E 48 2.34 11.63 3.33
C PHE E 48 3.70 10.92 3.47
N ARG E 49 4.65 11.40 2.69
CA ARG E 49 5.93 10.72 2.47
C ARG E 49 6.80 10.85 3.70
N GLU E 50 6.62 11.95 4.39
CA GLU E 50 7.24 12.17 5.69
C GLU E 50 6.63 11.19 6.69
N PHE E 51 5.31 11.17 6.77
CA PHE E 51 4.64 10.32 7.75
C PHE E 51 4.95 8.81 7.59
N PHE E 52 4.70 8.26 6.40
CA PHE E 52 4.91 6.83 6.12
C PHE E 52 6.39 6.38 5.94
N GLU E 53 7.33 7.26 6.25
CA GLU E 53 8.79 7.02 6.13
C GLU E 53 9.27 6.59 4.73
N LEU E 54 8.64 7.09 3.66
CA LEU E 54 8.99 6.70 2.29
C LEU E 54 10.33 7.30 1.85
N GLU E 55 11.28 6.44 1.50
CA GLU E 55 12.57 6.91 0.95
C GLU E 55 12.62 6.85 -0.59
N ALA E 56 11.46 6.57 -1.21
CA ALA E 56 11.35 6.48 -2.68
C ALA E 56 10.15 7.27 -3.18
N PRO E 57 10.29 8.03 -4.28
CA PRO E 57 9.16 8.76 -4.86
C PRO E 57 7.96 7.87 -5.17
N LEU E 58 6.77 8.43 -5.03
CA LEU E 58 5.55 7.74 -5.46
C LEU E 58 5.47 7.76 -6.99
N PRO E 59 4.67 6.87 -7.59
CA PRO E 59 4.48 6.91 -9.04
C PRO E 59 4.18 8.33 -9.54
N GLY E 60 5.02 8.79 -10.48
CA GLY E 60 4.86 10.13 -11.09
C GLY E 60 5.47 11.30 -10.31
N GLU E 61 5.76 11.11 -9.03
CA GLU E 61 6.22 12.20 -8.16
C GLU E 61 7.60 12.74 -8.55
N ALA E 62 8.44 11.92 -9.17
CA ALA E 62 9.79 12.33 -9.59
C ALA E 62 9.78 13.48 -10.61
N GLY E 63 8.76 13.53 -11.46
CA GLY E 63 8.62 14.61 -12.41
C GLY E 63 8.50 16.01 -11.80
N GLY E 64 8.09 16.08 -10.53
CA GLY E 64 8.01 17.34 -9.80
C GLY E 64 6.70 18.09 -9.95
N ASN E 65 5.74 17.47 -10.61
CA ASN E 65 4.48 18.12 -10.91
C ASN E 65 3.24 17.52 -10.21
N ILE E 66 3.45 16.59 -9.30
CA ILE E 66 2.37 15.89 -8.63
C ILE E 66 2.57 16.05 -7.13
N HIS E 67 1.60 16.68 -6.47
CA HIS E 67 1.75 17.04 -5.08
C HIS E 67 0.65 16.58 -4.13
N THR E 68 -0.29 15.77 -4.63
CA THR E 68 -1.30 15.14 -3.79
C THR E 68 -1.37 13.66 -4.08
N LEU E 69 -1.91 12.90 -3.12
CA LEU E 69 -2.11 11.47 -3.28
C LEU E 69 -3.10 11.12 -4.37
N ALA E 70 -4.18 11.93 -4.48
CA ALA E 70 -5.12 11.77 -5.64
C ALA E 70 -4.34 11.88 -6.96
N GLY E 71 -3.47 12.89 -7.08
CA GLY E 71 -2.63 13.03 -8.30
C GLY E 71 -1.81 11.77 -8.59
N VAL E 72 -1.33 11.11 -7.54
CA VAL E 72 -0.64 9.84 -7.72
C VAL E 72 -1.59 8.76 -8.23
N LEU E 74 -4.32 9.16 -9.99
CA LEU E 74 -4.62 9.47 -11.40
C LEU E 74 -3.46 9.13 -12.38
N TYR E 75 -2.22 9.45 -11.98
CA TYR E 75 -1.04 9.04 -12.76
C TYR E 75 -1.03 7.53 -12.97
N GLN E 76 -1.19 6.80 -11.86
CA GLN E 76 -1.05 5.35 -11.88
C GLN E 76 -2.20 4.62 -12.58
N LEU E 77 -3.42 5.09 -12.34
CA LEU E 77 -4.64 4.36 -12.72
C LEU E 77 -5.46 4.98 -13.83
N GLY E 78 -5.10 6.19 -14.25
CA GLY E 78 -5.87 6.88 -15.29
C GLY E 78 -6.74 8.01 -14.74
N ARG E 79 -7.29 8.77 -15.67
CA ARG E 79 -8.08 9.96 -15.36
CA ARG E 79 -8.05 9.96 -15.32
C ARG E 79 -9.35 9.64 -14.62
N VAL E 80 -9.97 8.53 -14.94
CA VAL E 80 -11.12 8.17 -14.12
C VAL E 80 -11.03 6.76 -13.56
N PRO E 81 -10.37 6.65 -12.39
CA PRO E 81 -10.22 5.40 -11.67
C PRO E 81 -11.61 4.94 -11.22
N SER E 82 -11.74 3.67 -10.86
CA SER E 82 -12.98 3.14 -10.30
C SER E 82 -12.71 2.69 -8.89
N VAL E 83 -13.72 2.77 -8.03
CA VAL E 83 -13.62 2.23 -6.67
CA VAL E 83 -13.55 2.23 -6.67
C VAL E 83 -13.16 0.77 -6.79
N THR E 84 -12.33 0.33 -5.84
CA THR E 84 -11.61 -0.96 -5.79
C THR E 84 -10.34 -0.99 -6.67
N ASP E 85 -10.20 -0.06 -7.61
CA ASP E 85 -8.93 0.02 -8.38
C ASP E 85 -7.78 0.11 -7.37
N ARG E 86 -6.71 -0.65 -7.63
CA ARG E 86 -5.68 -0.93 -6.61
C ARG E 86 -4.33 -1.19 -7.27
N PHE E 87 -3.25 -0.84 -6.57
CA PHE E 87 -1.90 -1.20 -6.95
C PHE E 87 -1.05 -1.29 -5.71
N GLU E 88 0.04 -2.04 -5.82
CA GLU E 88 1.04 -2.13 -4.76
C GLU E 88 2.29 -1.37 -5.25
N TRP E 89 2.96 -0.67 -4.34
CA TRP E 89 4.15 0.09 -4.75
C TRP E 89 5.11 0.09 -3.57
N ASN E 90 6.32 -0.46 -3.74
CA ASN E 90 7.32 -0.31 -2.67
C ASN E 90 6.83 -0.79 -1.28
N GLY E 91 6.05 -1.87 -1.22
CA GLY E 91 5.64 -2.44 0.07
C GLY E 91 4.33 -1.89 0.64
N PHE E 92 3.70 -1.00 -0.12
CA PHE E 92 2.38 -0.40 0.19
C PHE E 92 1.29 -0.80 -0.81
N SER E 93 0.03 -0.87 -0.37
CA SER E 93 -1.07 -0.96 -1.29
C SER E 93 -1.88 0.34 -1.19
N PHE E 94 -2.51 0.69 -2.31
CA PHE E 94 -3.27 1.91 -2.47
C PHE E 94 -4.51 1.44 -3.20
N GLU E 95 -5.66 1.64 -2.58
CA GLU E 95 -6.93 1.21 -3.16
C GLU E 95 -7.92 2.38 -3.12
N VAL E 96 -8.49 2.71 -4.28
CA VAL E 96 -9.57 3.71 -4.33
C VAL E 96 -10.80 3.19 -3.59
N VAL E 97 -11.25 3.88 -2.54
CA VAL E 97 -12.43 3.35 -1.86
C VAL E 97 -13.62 4.32 -1.94
N ASP E 98 -13.37 5.55 -2.36
CA ASP E 98 -14.43 6.50 -2.64
C ASP E 98 -14.04 7.50 -3.73
N ASP E 100 -15.82 10.96 -5.67
CA ASP E 100 -16.92 11.93 -5.75
C ASP E 100 -16.94 12.55 -7.13
N ARG E 101 -17.86 12.04 -7.95
CA ARG E 101 -17.77 12.20 -9.39
C ARG E 101 -16.34 11.92 -9.89
N THR E 102 -15.59 12.92 -10.36
CA THR E 102 -14.24 12.64 -10.90
C THR E 102 -13.13 12.70 -9.81
N ARG E 103 -13.50 13.01 -8.58
CA ARG E 103 -12.50 13.25 -7.56
C ARG E 103 -12.21 11.97 -6.84
N VAL E 104 -10.91 11.67 -6.73
CA VAL E 104 -10.46 10.55 -5.92
C VAL E 104 -10.49 11.02 -4.46
N ASP E 105 -11.56 10.67 -3.76
CA ASP E 105 -11.86 11.29 -2.46
C ASP E 105 -11.24 10.55 -1.29
N LYS E 106 -11.17 9.22 -1.35
CA LYS E 106 -10.60 8.45 -0.26
C LYS E 106 -9.82 7.24 -0.79
N ILE E 107 -8.62 7.05 -0.25
CA ILE E 107 -7.76 5.92 -0.61
C ILE E 107 -7.51 5.08 0.64
N LEU E 108 -7.58 3.76 0.48
CA LEU E 108 -7.15 2.86 1.54
C LEU E 108 -5.68 2.57 1.34
N VAL E 109 -4.88 2.96 2.32
CA VAL E 109 -3.43 2.79 2.20
C VAL E 109 -2.96 1.81 3.27
N GLN E 110 -2.07 0.90 2.89
CA GLN E 110 -1.59 -0.09 3.85
C GLN E 110 -0.16 -0.49 3.59
N ARG E 111 0.68 -0.40 4.62
CA ARG E 111 2.03 -0.94 4.55
C ARG E 111 2.01 -2.44 4.93
N HIS E 112 2.62 -3.26 4.09
CA HIS E 112 2.55 -4.71 4.24
C HIS E 112 3.74 -5.37 4.93
N HIS E 113 4.44 -4.58 5.75
CA HIS E 113 5.39 -5.07 6.76
C HIS E 113 5.37 -4.17 8.02
N ASP F 27 -27.09 -1.66 -8.58
CA ASP F 27 -26.87 -1.45 -7.11
C ASP F 27 -25.77 -0.43 -6.89
N GLU F 28 -26.06 0.60 -6.08
CA GLU F 28 -25.06 1.58 -5.63
C GLU F 28 -23.98 0.97 -4.70
N ILE F 29 -23.39 -0.16 -5.14
CA ILE F 29 -22.42 -0.90 -4.33
C ILE F 29 -21.46 -1.70 -5.19
N VAL F 30 -20.20 -1.75 -4.79
CA VAL F 30 -19.16 -2.46 -5.56
C VAL F 30 -18.40 -3.40 -4.62
N GLN F 31 -18.20 -4.63 -5.09
CA GLN F 31 -17.58 -5.65 -4.27
C GLN F 31 -16.08 -5.62 -4.38
N ARG F 32 -15.37 -5.66 -3.25
CA ARG F 32 -13.91 -5.72 -3.24
C ARG F 32 -13.41 -7.17 -3.37
N GLU F 33 -12.11 -7.32 -3.61
N GLU F 33 -12.12 -7.32 -3.63
CA GLU F 33 -11.42 -8.63 -3.74
CA GLU F 33 -11.47 -8.63 -3.72
C GLU F 33 -11.67 -9.61 -2.56
C GLU F 33 -11.85 -9.60 -2.58
N ASP F 34 -11.89 -9.10 -1.36
CA ASP F 34 -12.15 -9.95 -0.17
C ASP F 34 -13.64 -10.22 0.11
N GLY F 35 -14.53 -9.76 -0.78
CA GLY F 35 -15.94 -10.03 -0.65
C GLY F 35 -16.74 -8.88 -0.04
N SER F 36 -16.07 -7.95 0.63
CA SER F 36 -16.82 -6.81 1.20
C SER F 36 -17.37 -5.90 0.10
N TRP F 37 -18.22 -4.97 0.49
CA TRP F 37 -18.87 -4.11 -0.46
C TRP F 37 -18.66 -2.65 -0.04
N LEU F 38 -18.27 -1.82 -0.99
CA LEU F 38 -18.27 -0.38 -0.80
C LEU F 38 -19.60 0.11 -1.26
N VAL F 39 -20.36 0.66 -0.32
CA VAL F 39 -21.72 1.08 -0.59
C VAL F 39 -21.92 2.58 -0.32
N ASP F 40 -22.54 3.28 -1.25
CA ASP F 40 -22.91 4.69 -1.06
C ASP F 40 -23.92 4.92 0.09
N GLY F 41 -23.66 5.96 0.90
CA GLY F 41 -24.58 6.38 1.94
C GLY F 41 -25.98 6.65 1.40
N VAL F 43 -27.66 5.01 -0.89
CA VAL F 43 -28.42 3.86 -1.36
C VAL F 43 -29.72 3.71 -0.55
N SER F 44 -30.84 3.50 -1.23
CA SER F 44 -32.11 3.24 -0.54
C SER F 44 -32.07 1.95 0.27
N LEU F 45 -32.79 1.93 1.39
CA LEU F 45 -32.86 0.74 2.24
C LEU F 45 -33.69 -0.42 1.68
N ASP F 46 -34.66 -0.10 0.81
CA ASP F 46 -35.42 -1.13 0.06
C ASP F 46 -34.50 -1.88 -0.93
N ARG F 47 -33.72 -1.12 -1.70
CA ARG F 47 -32.69 -1.67 -2.57
C ARG F 47 -31.63 -2.48 -1.79
N PHE F 48 -31.16 -1.92 -0.68
CA PHE F 48 -30.13 -2.55 0.12
C PHE F 48 -30.66 -3.88 0.65
N ARG F 49 -31.89 -3.85 1.20
CA ARG F 49 -32.50 -5.06 1.77
C ARG F 49 -32.83 -6.10 0.71
N GLU F 50 -33.22 -5.64 -0.47
CA GLU F 50 -33.46 -6.52 -1.61
C GLU F 50 -32.16 -7.22 -2.06
N PHE F 51 -31.10 -6.44 -2.26
CA PHE F 51 -29.85 -6.96 -2.76
C PHE F 51 -29.21 -8.00 -1.83
N PHE F 52 -29.19 -7.70 -0.53
CA PHE F 52 -28.62 -8.59 0.48
C PHE F 52 -29.63 -9.59 1.06
N GLU F 53 -30.87 -9.52 0.59
CA GLU F 53 -31.93 -10.48 0.96
C GLU F 53 -32.21 -10.47 2.48
N LEU F 54 -32.25 -9.26 3.04
CA LEU F 54 -32.43 -9.08 4.48
C LEU F 54 -33.90 -9.29 4.90
N GLU F 55 -34.10 -9.99 6.00
CA GLU F 55 -35.42 -10.37 6.42
C GLU F 55 -35.84 -9.63 7.67
N ALA F 56 -35.09 -8.60 8.02
CA ALA F 56 -35.45 -7.71 9.13
C ALA F 56 -35.04 -6.27 8.79
N PRO F 57 -35.75 -5.29 9.36
CA PRO F 57 -35.40 -3.88 9.20
C PRO F 57 -34.03 -3.61 9.79
N LEU F 58 -33.28 -2.73 9.14
CA LEU F 58 -32.00 -2.25 9.70
C LEU F 58 -32.26 -1.34 10.89
N PRO F 59 -31.24 -1.12 11.75
CA PRO F 59 -31.40 -0.22 12.92
C PRO F 59 -31.97 1.18 12.53
N GLY F 60 -32.99 1.63 13.25
CA GLY F 60 -33.60 2.90 12.96
C GLY F 60 -34.78 2.87 11.98
N GLU F 61 -34.95 1.83 11.17
CA GLU F 61 -36.04 1.81 10.19
C GLU F 61 -37.39 1.77 10.84
N ALA F 62 -37.55 0.91 11.85
CA ALA F 62 -38.86 0.73 12.52
C ALA F 62 -39.35 2.05 13.09
N GLY F 63 -38.40 2.92 13.44
CA GLY F 63 -38.65 4.32 13.80
C GLY F 63 -39.56 5.07 12.85
N GLY F 64 -39.30 4.94 11.55
CA GLY F 64 -40.22 5.36 10.49
C GLY F 64 -39.68 6.41 9.53
N ASN F 65 -38.67 7.15 9.95
CA ASN F 65 -38.24 8.32 9.24
C ASN F 65 -36.90 8.17 8.49
N ILE F 66 -36.46 6.96 8.22
CA ILE F 66 -35.18 6.80 7.52
C ILE F 66 -35.31 5.85 6.34
N HIS F 67 -34.70 6.23 5.22
CA HIS F 67 -34.85 5.48 4.00
C HIS F 67 -33.55 5.26 3.24
N THR F 68 -32.42 5.70 3.81
CA THR F 68 -31.11 5.43 3.19
C THR F 68 -30.18 4.77 4.15
N LEU F 69 -29.12 4.13 3.63
CA LEU F 69 -28.13 3.53 4.52
C LEU F 69 -27.39 4.54 5.43
N ALA F 70 -27.13 5.73 4.93
CA ALA F 70 -26.54 6.77 5.77
C ALA F 70 -27.43 7.04 6.99
N GLY F 71 -28.75 7.11 6.79
CA GLY F 71 -29.68 7.35 7.89
C GLY F 71 -29.58 6.25 8.95
N VAL F 72 -29.30 5.01 8.55
CA VAL F 72 -29.03 3.92 9.49
C VAL F 72 -27.74 4.17 10.29
N LEU F 74 -26.36 7.06 11.04
CA LEU F 74 -26.68 8.12 12.01
C LEU F 74 -27.46 7.61 13.21
N TYR F 75 -28.47 6.80 12.97
CA TYR F 75 -29.24 6.25 14.09
C TYR F 75 -28.31 5.41 14.97
N GLN F 76 -27.45 4.60 14.36
CA GLN F 76 -26.65 3.67 15.16
C GLN F 76 -25.44 4.36 15.81
N LEU F 77 -24.79 5.23 15.05
CA LEU F 77 -23.50 5.78 15.46
C LEU F 77 -23.56 7.23 15.89
N GLY F 78 -24.72 7.87 15.75
CA GLY F 78 -24.90 9.25 16.22
C GLY F 78 -24.91 10.23 15.05
N ARG F 79 -25.27 11.48 15.33
CA ARG F 79 -25.42 12.49 14.31
C ARG F 79 -24.09 12.87 13.64
N VAL F 80 -22.97 12.71 14.33
CA VAL F 80 -21.66 12.95 13.69
C VAL F 80 -20.74 11.76 13.92
N PRO F 81 -20.91 10.72 13.12
CA PRO F 81 -20.04 9.56 13.18
C PRO F 81 -18.63 9.96 12.73
N SER F 82 -17.69 9.03 12.89
CA SER F 82 -16.35 9.25 12.40
C SER F 82 -15.97 8.11 11.48
N VAL F 83 -15.12 8.42 10.51
CA VAL F 83 -14.47 7.41 9.69
C VAL F 83 -13.86 6.36 10.62
N THR F 84 -14.05 5.08 10.25
CA THR F 84 -13.73 3.88 11.03
C THR F 84 -14.75 3.46 12.09
N ASP F 85 -15.74 4.29 12.40
CA ASP F 85 -16.84 3.85 13.25
C ASP F 85 -17.51 2.65 12.59
N ARG F 86 -17.96 1.71 13.43
CA ARG F 86 -18.38 0.41 12.94
C ARG F 86 -19.30 -0.27 13.92
N PHE F 87 -20.25 -1.04 13.40
CA PHE F 87 -21.06 -1.91 14.27
C PHE F 87 -21.41 -3.19 13.52
N GLU F 88 -21.86 -4.20 14.27
CA GLU F 88 -22.37 -5.42 13.67
C GLU F 88 -23.86 -5.44 13.78
N TRP F 89 -24.52 -6.04 12.78
CA TRP F 89 -25.97 -6.21 12.88
C TRP F 89 -26.43 -7.42 12.06
N ASN F 90 -27.11 -8.39 12.69
CA ASN F 90 -27.78 -9.49 11.95
C ASN F 90 -26.85 -10.12 10.88
N GLY F 91 -25.63 -10.49 11.28
CA GLY F 91 -24.69 -11.10 10.34
C GLY F 91 -23.89 -10.23 9.38
N PHE F 92 -23.94 -8.90 9.54
CA PHE F 92 -23.14 -7.97 8.72
C PHE F 92 -22.35 -6.99 9.56
N SER F 93 -21.18 -6.57 9.08
CA SER F 93 -20.51 -5.41 9.64
C SER F 93 -20.75 -4.17 8.76
N PHE F 94 -20.84 -3.00 9.41
CA PHE F 94 -21.02 -1.71 8.75
C PHE F 94 -19.95 -0.78 9.29
N GLU F 95 -19.09 -0.24 8.42
CA GLU F 95 -18.02 0.67 8.82
C GLU F 95 -18.06 1.93 7.94
N VAL F 96 -18.02 3.10 8.57
CA VAL F 96 -17.91 4.38 7.87
C VAL F 96 -16.52 4.49 7.28
N VAL F 97 -16.45 4.52 5.97
CA VAL F 97 -15.14 4.69 5.35
C VAL F 97 -14.93 6.07 4.71
N ASP F 98 -16.01 6.83 4.52
CA ASP F 98 -15.90 8.23 4.10
C ASP F 98 -17.05 9.16 4.48
N ASP F 100 -18.39 13.27 3.80
CA ASP F 100 -18.20 14.57 3.15
C ASP F 100 -18.94 15.58 3.99
N ARG F 101 -18.14 16.39 4.69
CA ARG F 101 -18.56 17.16 5.83
C ARG F 101 -19.40 16.28 6.76
N THR F 102 -20.67 16.61 6.95
CA THR F 102 -21.51 15.90 7.94
C THR F 102 -22.18 14.65 7.38
N ARG F 103 -22.05 14.44 6.07
CA ARG F 103 -22.73 13.37 5.38
C ARG F 103 -21.87 12.12 5.38
N VAL F 104 -22.50 11.00 5.73
CA VAL F 104 -21.91 9.70 5.61
C VAL F 104 -21.96 9.32 4.11
N ASP F 105 -20.80 9.29 3.48
CA ASP F 105 -20.76 9.13 2.04
C ASP F 105 -20.49 7.71 1.54
N LYS F 106 -19.63 7.00 2.26
CA LYS F 106 -19.30 5.61 1.86
C LYS F 106 -19.21 4.71 3.09
N ILE F 107 -19.84 3.54 2.98
CA ILE F 107 -19.87 2.52 4.01
C ILE F 107 -19.23 1.24 3.46
N LEU F 108 -18.38 0.62 4.27
CA LEU F 108 -17.87 -0.71 3.99
C LEU F 108 -18.76 -1.73 4.71
N VAL F 109 -19.41 -2.56 3.89
CA VAL F 109 -20.37 -3.56 4.32
C VAL F 109 -19.76 -4.96 4.07
N GLN F 110 -19.79 -5.84 5.05
CA GLN F 110 -19.43 -7.25 4.81
C GLN F 110 -20.36 -8.23 5.50
N ARG F 111 -20.72 -9.30 4.79
CA ARG F 111 -21.37 -10.47 5.39
C ARG F 111 -20.38 -11.23 6.28
N HIS F 112 -20.78 -11.50 7.51
CA HIS F 112 -19.94 -12.22 8.47
C HIS F 112 -19.55 -13.62 7.99
#